data_1JAC
#
_entry.id   1JAC
#
_cell.length_a   129.600
_cell.length_b   129.600
_cell.length_c   157.900
_cell.angle_alpha   90.00
_cell.angle_beta   90.00
_cell.angle_gamma   120.00
#
_symmetry.space_group_name_H-M   'P 65 2 2'
#
loop_
_entity.id
_entity.type
_entity.pdbx_description
1 polymer JACALIN
2 polymer JACALIN
3 non-polymer 'methyl alpha-D-galactopyranoside'
4 water water
#
loop_
_entity_poly.entity_id
_entity_poly.type
_entity_poly.pdbx_seq_one_letter_code
_entity_poly.pdbx_strand_id
1 'polypeptide(L)'
;GKAFDDGAFTGIREINLSYNKETAIGDFQVVYDLNGSPYVGQNHKSFITGFTPVKISLDFPSEYIMEVSGYTGNVSGYVV
VRSLTFKTNKKTYGPYGVTSGTPFNLPIENGLIVGFKGSIGYWLDYFSMYLSL
;
A,C,E,G
2 'polypeptide(L)' NEQSGKSQTVIVGSWGAKVS B,D,F,H
#
loop_
_chem_comp.id
_chem_comp.type
_chem_comp.name
_chem_comp.formula
AMG D-saccharide 'methyl alpha-D-galactopyranoside' 'C7 H14 O6'
#
# COMPACT_ATOMS: atom_id res chain seq x y z
N GLY A 1 -2.12 -14.87 6.13
CA GLY A 1 -1.05 -15.90 6.15
C GLY A 1 -0.98 -16.47 7.55
N LYS A 2 -0.01 -17.33 7.81
CA LYS A 2 0.12 -17.95 9.12
C LYS A 2 1.01 -17.11 10.04
N ALA A 3 0.49 -16.83 11.23
CA ALA A 3 1.19 -16.03 12.23
C ALA A 3 2.17 -16.85 13.02
N PHE A 4 3.33 -16.24 13.30
CA PHE A 4 4.36 -16.87 14.09
C PHE A 4 4.89 -15.82 15.04
N ASP A 5 5.63 -16.29 16.03
CA ASP A 5 6.19 -15.42 17.05
C ASP A 5 7.23 -16.25 17.75
N ASP A 6 8.51 -16.01 17.45
CA ASP A 6 9.59 -16.78 18.06
C ASP A 6 9.82 -16.42 19.51
N GLY A 7 9.70 -15.13 19.82
CA GLY A 7 9.89 -14.69 21.18
C GLY A 7 11.20 -13.97 21.36
N ALA A 8 11.64 -13.91 22.60
CA ALA A 8 12.87 -13.23 22.93
C ALA A 8 13.94 -14.20 23.44
N PHE A 9 15.16 -13.99 22.96
CA PHE A 9 16.30 -14.81 23.31
C PHE A 9 17.42 -13.88 23.75
N THR A 10 18.65 -14.41 23.81
CA THR A 10 19.80 -13.62 24.24
C THR A 10 20.50 -12.86 23.12
N GLY A 11 20.47 -13.41 21.91
CA GLY A 11 21.10 -12.75 20.78
C GLY A 11 20.77 -13.47 19.49
N ILE A 12 21.39 -13.07 18.39
CA ILE A 12 21.12 -13.71 17.11
C ILE A 12 22.39 -14.28 16.50
N ARG A 13 22.34 -15.54 16.08
CA ARG A 13 23.53 -16.15 15.50
C ARG A 13 23.52 -16.25 13.98
N GLU A 14 22.36 -16.57 13.43
CA GLU A 14 22.24 -16.75 12.00
C GLU A 14 20.80 -16.47 11.59
N ILE A 15 20.62 -16.01 10.36
CA ILE A 15 19.30 -15.74 9.81
C ILE A 15 19.23 -16.36 8.43
N ASN A 16 18.20 -17.17 8.21
CA ASN A 16 17.99 -17.85 6.92
C ASN A 16 16.65 -17.42 6.33
N LEU A 17 16.69 -16.52 5.37
CA LEU A 17 15.48 -16.04 4.72
C LEU A 17 15.48 -16.48 3.27
N SER A 18 14.41 -16.18 2.56
CA SER A 18 14.31 -16.56 1.17
C SER A 18 13.64 -15.41 0.43
N TYR A 19 13.94 -15.25 -0.84
CA TYR A 19 13.35 -14.16 -1.60
C TYR A 19 13.18 -14.50 -3.05
N ASN A 20 12.59 -13.55 -3.76
CA ASN A 20 12.35 -13.67 -5.19
C ASN A 20 12.55 -12.25 -5.69
N LYS A 21 13.39 -12.09 -6.71
CA LYS A 21 13.68 -10.76 -7.25
C LYS A 21 12.53 -9.97 -7.90
N GLU A 22 11.39 -10.63 -8.16
CA GLU A 22 10.23 -9.95 -8.77
C GLU A 22 9.06 -9.78 -7.80
N THR A 23 8.99 -10.63 -6.78
CA THR A 23 7.90 -10.55 -5.83
C THR A 23 8.33 -9.96 -4.51
N ALA A 24 8.67 -10.81 -3.55
CA ALA A 24 9.06 -10.34 -2.20
C ALA A 24 9.73 -11.47 -1.38
N ILE A 25 9.94 -11.22 -0.10
CA ILE A 25 10.53 -12.21 0.78
C ILE A 25 9.53 -13.30 1.07
N GLY A 26 10.02 -14.54 1.13
CA GLY A 26 9.16 -15.68 1.40
C GLY A 26 9.51 -16.34 2.72
N ASP A 27 10.28 -17.41 2.67
CA ASP A 27 10.68 -18.16 3.87
C ASP A 27 11.44 -17.34 4.92
N PHE A 28 11.27 -17.73 6.18
CA PHE A 28 11.97 -17.02 7.27
C PHE A 28 12.24 -17.88 8.48
N GLN A 29 13.51 -17.94 8.87
CA GLN A 29 13.93 -18.72 10.02
C GLN A 29 15.16 -18.06 10.63
N VAL A 30 15.39 -18.29 11.92
CA VAL A 30 16.53 -17.70 12.58
C VAL A 30 17.01 -18.60 13.73
N VAL A 31 18.33 -18.75 13.85
CA VAL A 31 18.88 -19.55 14.93
C VAL A 31 19.40 -18.53 15.90
N TYR A 32 18.90 -18.58 17.13
CA TYR A 32 19.26 -17.64 18.15
C TYR A 32 20.35 -18.10 19.09
N ASP A 33 20.74 -17.20 19.97
CA ASP A 33 21.70 -17.49 21.01
C ASP A 33 20.81 -17.62 22.23
N LEU A 34 21.00 -18.69 22.98
CA LEU A 34 20.25 -18.90 24.21
C LEU A 34 21.28 -19.12 25.30
N ASN A 35 21.68 -18.03 25.95
CA ASN A 35 22.64 -18.10 27.02
C ASN A 35 23.94 -18.81 26.62
N GLY A 36 24.53 -18.35 25.52
CA GLY A 36 25.77 -18.93 25.01
C GLY A 36 25.65 -20.22 24.21
N SER A 37 24.42 -20.72 24.03
CA SER A 37 24.19 -21.96 23.26
C SER A 37 23.23 -21.69 22.10
N PRO A 38 23.57 -22.18 20.92
CA PRO A 38 22.70 -21.97 19.75
C PRO A 38 21.28 -22.47 20.03
N TYR A 39 20.29 -21.92 19.35
CA TYR A 39 18.94 -22.37 19.55
C TYR A 39 18.22 -22.21 18.22
N VAL A 40 17.96 -23.30 17.52
CA VAL A 40 17.32 -23.21 16.22
C VAL A 40 15.81 -22.96 16.23
N GLY A 41 15.45 -21.73 15.87
CA GLY A 41 14.05 -21.36 15.80
C GLY A 41 13.33 -22.20 14.76
N GLN A 42 12.01 -22.17 14.82
CA GLN A 42 11.16 -22.91 13.92
C GLN A 42 11.28 -22.29 12.53
N ASN A 43 11.11 -23.12 11.50
CA ASN A 43 11.17 -22.65 10.12
C ASN A 43 9.76 -22.21 9.69
N HIS A 44 9.65 -20.94 9.33
CA HIS A 44 8.38 -20.37 8.93
C HIS A 44 8.36 -20.32 7.41
N LYS A 45 7.73 -21.32 6.82
CA LYS A 45 7.68 -21.45 5.38
C LYS A 45 6.57 -20.71 4.65
N SER A 46 6.85 -20.41 3.39
CA SER A 46 5.92 -19.74 2.50
C SER A 46 4.94 -20.81 2.10
N PHE A 47 3.76 -20.40 1.63
CA PHE A 47 2.75 -21.36 1.18
C PHE A 47 3.17 -21.96 -0.17
N ILE A 48 3.96 -21.20 -0.94
CA ILE A 48 4.45 -21.63 -2.26
C ILE A 48 5.97 -21.79 -2.28
N THR A 49 6.53 -22.08 -3.45
CA THR A 49 7.99 -22.26 -3.61
C THR A 49 8.61 -21.45 -4.76
N GLY A 50 9.88 -21.77 -5.06
CA GLY A 50 10.57 -21.08 -6.13
C GLY A 50 11.32 -19.84 -5.69
N PHE A 51 11.81 -19.87 -4.46
CA PHE A 51 12.55 -18.76 -3.91
C PHE A 51 14.03 -19.12 -3.94
N THR A 52 14.85 -18.11 -3.69
CA THR A 52 16.30 -18.28 -3.65
C THR A 52 16.68 -18.10 -2.18
N PRO A 53 17.37 -19.09 -1.60
CA PRO A 53 17.80 -19.05 -0.20
C PRO A 53 19.05 -18.22 0.04
N VAL A 54 19.17 -17.67 1.25
CA VAL A 54 20.30 -16.87 1.65
C VAL A 54 20.55 -17.22 3.10
N LYS A 55 21.81 -17.41 3.45
CA LYS A 55 22.17 -17.72 4.82
C LYS A 55 23.01 -16.57 5.33
N ILE A 56 22.61 -16.01 6.46
CA ILE A 56 23.31 -14.88 7.06
C ILE A 56 23.87 -15.30 8.42
N SER A 57 25.12 -15.76 8.42
CA SER A 57 25.80 -16.17 9.63
C SER A 57 26.60 -15.00 10.18
N LEU A 58 26.26 -14.57 11.39
CA LEU A 58 26.95 -13.48 12.05
C LEU A 58 28.05 -14.10 12.92
N ASP A 59 29.08 -13.34 13.23
CA ASP A 59 30.16 -13.80 14.11
C ASP A 59 29.58 -13.51 15.47
N PHE A 60 28.65 -14.34 15.91
CA PHE A 60 27.90 -14.10 17.13
C PHE A 60 28.22 -13.03 18.16
N PRO A 61 29.15 -13.27 19.09
CA PRO A 61 29.32 -12.16 20.03
C PRO A 61 29.80 -10.86 19.43
N SER A 62 30.80 -10.94 18.57
CA SER A 62 31.39 -9.74 17.98
C SER A 62 30.54 -8.98 16.97
N GLU A 63 29.91 -9.71 16.07
CA GLU A 63 29.08 -9.08 15.04
C GLU A 63 27.60 -9.10 15.45
N TYR A 64 26.99 -7.94 15.45
CA TYR A 64 25.59 -7.84 15.82
C TYR A 64 24.96 -6.87 14.86
N ILE A 65 23.66 -7.03 14.62
CA ILE A 65 22.90 -6.20 13.70
C ILE A 65 22.65 -4.86 14.34
N MET A 66 22.87 -3.79 13.58
CA MET A 66 22.66 -2.41 14.03
C MET A 66 21.51 -1.71 13.33
N GLU A 67 21.09 -2.21 12.16
CA GLU A 67 20.00 -1.57 11.46
C GLU A 67 19.36 -2.50 10.49
N VAL A 68 18.04 -2.48 10.44
CA VAL A 68 17.27 -3.31 9.55
C VAL A 68 16.52 -2.34 8.64
N SER A 69 16.56 -2.64 7.34
CA SER A 69 15.93 -1.85 6.31
C SER A 69 15.11 -2.76 5.45
N GLY A 70 14.23 -2.17 4.66
CA GLY A 70 13.42 -2.96 3.77
C GLY A 70 12.41 -2.12 3.05
N TYR A 71 11.51 -2.82 2.37
CA TYR A 71 10.46 -2.19 1.62
C TYR A 71 9.18 -2.95 1.81
N THR A 72 8.10 -2.18 1.90
CA THR A 72 6.78 -2.75 2.04
C THR A 72 6.15 -2.36 0.69
N GLY A 73 5.49 -3.31 0.05
CA GLY A 73 4.90 -3.02 -1.24
C GLY A 73 3.65 -3.82 -1.46
N ASN A 74 3.07 -3.71 -2.64
CA ASN A 74 1.83 -4.42 -2.97
C ASN A 74 2.06 -5.41 -4.08
N VAL A 75 1.81 -6.69 -3.81
CA VAL A 75 1.97 -7.71 -4.83
C VAL A 75 0.77 -8.64 -4.78
N SER A 76 0.04 -8.69 -5.89
CA SER A 76 -1.15 -9.52 -6.04
C SER A 76 -2.27 -9.01 -5.13
N GLY A 77 -2.24 -7.70 -4.85
CA GLY A 77 -3.24 -7.11 -3.99
C GLY A 77 -2.76 -6.95 -2.55
N TYR A 78 -2.10 -7.97 -2.03
CA TYR A 78 -1.59 -7.98 -0.66
C TYR A 78 -0.39 -7.06 -0.43
N VAL A 79 -0.42 -6.31 0.65
CA VAL A 79 0.71 -5.46 0.99
C VAL A 79 1.59 -6.39 1.81
N VAL A 80 2.84 -6.54 1.37
CA VAL A 80 3.82 -7.41 2.02
C VAL A 80 5.16 -6.71 2.17
N VAL A 81 6.12 -7.41 2.76
CA VAL A 81 7.48 -6.87 2.94
C VAL A 81 8.31 -7.33 1.73
N ARG A 82 8.50 -6.44 0.76
CA ARG A 82 9.22 -6.78 -0.47
C ARG A 82 10.72 -6.93 -0.40
N SER A 83 11.37 -6.11 0.41
CA SER A 83 12.81 -6.17 0.52
C SER A 83 13.25 -6.13 1.97
N LEU A 84 14.46 -6.57 2.20
CA LEU A 84 15.00 -6.59 3.55
C LEU A 84 16.53 -6.56 3.42
N THR A 85 17.19 -5.71 4.20
CA THR A 85 18.65 -5.66 4.19
C THR A 85 19.09 -5.49 5.62
N PHE A 86 20.12 -6.26 6.01
CA PHE A 86 20.64 -6.22 7.37
C PHE A 86 22.03 -5.64 7.44
N LYS A 87 22.17 -4.61 8.27
CA LYS A 87 23.46 -3.94 8.41
C LYS A 87 24.02 -4.24 9.78
N THR A 88 25.14 -4.95 9.84
CA THR A 88 25.76 -5.27 11.12
C THR A 88 26.98 -4.39 11.23
N ASN A 89 27.68 -4.50 12.34
CA ASN A 89 28.90 -3.70 12.55
C ASN A 89 30.08 -4.08 11.64
N LYS A 90 30.06 -5.25 11.02
CA LYS A 90 31.15 -5.71 10.16
C LYS A 90 30.86 -5.69 8.68
N LYS A 91 29.62 -5.98 8.32
CA LYS A 91 29.23 -6.07 6.92
C LYS A 91 27.73 -5.75 6.69
N THR A 92 27.36 -5.56 5.44
CA THR A 92 25.97 -5.30 5.09
C THR A 92 25.49 -6.47 4.27
N TYR A 93 24.49 -7.20 4.76
CA TYR A 93 23.96 -8.31 4.00
C TYR A 93 22.91 -7.75 3.05
N GLY A 94 23.45 -7.22 1.94
CA GLY A 94 22.76 -6.57 0.84
C GLY A 94 21.28 -6.80 0.72
N PRO A 95 20.57 -5.90 0.03
CA PRO A 95 19.11 -6.04 -0.13
C PRO A 95 18.68 -7.31 -0.86
N TYR A 96 17.68 -7.95 -0.28
CA TYR A 96 17.10 -9.16 -0.84
C TYR A 96 15.65 -8.84 -1.21
N GLY A 97 15.24 -9.23 -2.41
CA GLY A 97 13.88 -8.95 -2.84
C GLY A 97 13.76 -7.71 -3.70
N VAL A 98 12.60 -7.08 -3.67
CA VAL A 98 12.37 -5.92 -4.50
C VAL A 98 12.47 -4.58 -3.80
N THR A 99 13.46 -3.77 -4.15
CA THR A 99 13.60 -2.46 -3.52
C THR A 99 12.64 -1.49 -4.19
N SER A 100 11.35 -1.75 -4.02
CA SER A 100 10.32 -0.92 -4.63
C SER A 100 9.09 -0.88 -3.75
N GLY A 101 8.61 0.32 -3.51
CA GLY A 101 7.44 0.52 -2.66
C GLY A 101 7.82 1.51 -1.57
N THR A 102 7.24 1.35 -0.40
CA THR A 102 7.53 2.27 0.69
C THR A 102 8.66 1.77 1.57
N PRO A 103 9.71 2.58 1.72
CA PRO A 103 10.83 2.17 2.55
C PRO A 103 10.55 2.28 4.05
N PHE A 104 11.27 1.47 4.82
CA PHE A 104 11.19 1.49 6.27
C PHE A 104 12.61 1.18 6.73
N ASN A 105 13.01 1.71 7.88
CA ASN A 105 14.34 1.47 8.37
C ASN A 105 14.43 1.71 9.86
N LEU A 106 15.10 0.81 10.56
CA LEU A 106 15.25 0.94 11.99
C LEU A 106 16.70 0.93 12.38
N PRO A 107 17.27 2.12 12.62
CA PRO A 107 18.67 2.13 13.03
C PRO A 107 18.62 1.96 14.56
N ILE A 108 19.48 1.13 15.14
CA ILE A 108 19.47 0.98 16.58
C ILE A 108 20.66 1.71 17.14
N GLU A 109 20.41 2.65 18.04
CA GLU A 109 21.53 3.39 18.61
C GLU A 109 22.06 2.73 19.86
N ASN A 110 21.17 2.16 20.66
CA ASN A 110 21.56 1.45 21.88
C ASN A 110 20.52 0.36 22.09
N GLY A 111 20.95 -0.89 22.02
CA GLY A 111 20.03 -2.00 22.19
C GLY A 111 20.37 -3.12 21.21
N LEU A 112 19.67 -4.24 21.31
CA LEU A 112 19.90 -5.39 20.44
C LEU A 112 18.58 -5.92 19.91
N ILE A 113 18.60 -6.42 18.70
CA ILE A 113 17.42 -7.08 18.14
C ILE A 113 17.56 -8.44 18.83
N VAL A 114 16.55 -8.81 19.60
CA VAL A 114 16.62 -10.03 20.37
C VAL A 114 15.55 -11.06 20.05
N GLY A 115 14.80 -10.86 18.97
CA GLY A 115 13.76 -11.80 18.60
C GLY A 115 12.90 -11.24 17.50
N PHE A 116 12.14 -12.10 16.84
CA PHE A 116 11.31 -11.66 15.72
C PHE A 116 9.90 -12.22 15.85
N LYS A 117 8.96 -11.65 15.10
CA LYS A 117 7.57 -12.14 15.06
C LYS A 117 6.94 -11.64 13.76
N GLY A 118 5.84 -12.27 13.36
CA GLY A 118 5.21 -11.85 12.13
C GLY A 118 4.19 -12.81 11.55
N SER A 119 4.09 -12.79 10.22
CA SER A 119 3.14 -13.61 9.49
C SER A 119 3.64 -13.90 8.08
N ILE A 120 3.35 -15.10 7.59
CA ILE A 120 3.75 -15.53 6.26
C ILE A 120 2.65 -16.32 5.53
N GLY A 121 2.25 -15.83 4.37
CA GLY A 121 1.27 -16.53 3.56
C GLY A 121 2.14 -16.97 2.41
N TYR A 122 1.95 -16.39 1.24
CA TYR A 122 2.80 -16.69 0.09
C TYR A 122 4.09 -15.93 0.33
N TRP A 123 3.97 -14.72 0.90
CA TRP A 123 5.12 -13.88 1.20
C TRP A 123 5.04 -13.38 2.63
N LEU A 124 6.10 -12.77 3.13
CA LEU A 124 6.10 -12.21 4.49
C LEU A 124 5.11 -11.02 4.50
N ASP A 125 4.03 -11.15 5.27
CA ASP A 125 3.03 -10.09 5.35
C ASP A 125 3.48 -8.93 6.20
N TYR A 126 4.09 -9.25 7.33
CA TYR A 126 4.59 -8.26 8.24
C TYR A 126 5.45 -8.93 9.27
N PHE A 127 6.23 -8.14 9.99
CA PHE A 127 7.08 -8.65 11.05
C PHE A 127 7.28 -7.57 12.10
N SER A 128 7.79 -8.00 13.25
CA SER A 128 8.07 -7.10 14.36
C SER A 128 9.33 -7.65 15.02
N MET A 129 10.03 -6.80 15.75
CA MET A 129 11.26 -7.22 16.38
C MET A 129 11.27 -6.92 17.86
N TYR A 130 11.80 -7.83 18.66
CA TYR A 130 11.90 -7.63 20.10
C TYR A 130 13.21 -6.90 20.32
N LEU A 131 13.19 -5.85 21.12
CA LEU A 131 14.39 -5.08 21.40
C LEU A 131 14.79 -5.16 22.86
N SER A 132 16.08 -5.41 23.11
CA SER A 132 16.54 -5.49 24.48
C SER A 132 17.90 -4.84 24.63
N LEU A 133 18.30 -4.62 25.87
CA LEU A 133 19.58 -4.01 26.20
C LEU A 133 20.64 -5.09 26.50
N SER B 4 0.44 -12.25 34.77
CA SER B 4 1.84 -12.18 35.20
C SER B 4 2.54 -13.52 34.91
N GLY B 5 3.63 -13.73 35.61
CA GLY B 5 4.42 -14.96 35.49
C GLY B 5 5.32 -14.91 34.25
N LYS B 6 4.94 -14.27 33.12
CA LYS B 6 5.71 -14.21 31.88
C LYS B 6 6.43 -12.86 31.74
N SER B 7 7.72 -12.90 31.46
CA SER B 7 8.51 -11.67 31.30
C SER B 7 8.14 -10.98 30.00
N GLN B 8 8.40 -9.67 29.91
CA GLN B 8 8.10 -8.94 28.69
C GLN B 8 9.29 -8.11 28.24
N THR B 9 9.25 -7.66 27.00
CA THR B 9 10.32 -6.83 26.44
C THR B 9 9.72 -5.89 25.43
N VAL B 10 10.36 -4.76 25.19
CA VAL B 10 9.83 -3.82 24.21
C VAL B 10 9.85 -4.44 22.82
N ILE B 11 8.68 -4.64 22.25
CA ILE B 11 8.64 -5.18 20.91
C ILE B 11 8.18 -3.98 20.09
N VAL B 12 8.87 -3.75 18.99
CA VAL B 12 8.61 -2.60 18.16
C VAL B 12 8.18 -2.88 16.72
N GLY B 13 7.29 -2.03 16.24
CA GLY B 13 6.85 -2.13 14.88
C GLY B 13 5.57 -2.80 14.50
N SER B 14 5.70 -3.54 13.40
CA SER B 14 4.68 -4.30 12.68
C SER B 14 4.85 -3.55 11.36
N TRP B 15 5.70 -4.10 10.51
CA TRP B 15 5.96 -3.47 9.21
C TRP B 15 5.40 -4.36 8.12
N GLY B 16 4.53 -3.78 7.30
CA GLY B 16 3.92 -4.53 6.21
C GLY B 16 2.41 -4.45 6.34
N ALA B 17 1.73 -5.51 5.94
CA ALA B 17 0.27 -5.61 6.09
C ALA B 17 -0.13 -5.26 7.52
N LYS B 18 -1.38 -4.87 7.67
CA LYS B 18 -1.93 -4.50 8.99
C LYS B 18 -2.68 -5.68 9.60
N GLY C 1 23.86 21.72 13.11
CA GLY C 1 23.21 22.63 14.11
C GLY C 1 23.59 22.21 15.52
N LYS C 2 22.93 22.78 16.51
CA LYS C 2 23.22 22.45 17.91
C LYS C 2 22.51 21.15 18.35
N ALA C 3 23.30 20.19 18.83
CA ALA C 3 22.80 18.91 19.29
C ALA C 3 22.12 19.04 20.64
N PHE C 4 21.12 18.21 20.87
CA PHE C 4 20.43 18.23 22.13
C PHE C 4 20.13 16.81 22.60
N ASP C 5 19.90 16.66 23.89
CA ASP C 5 19.61 15.36 24.43
C ASP C 5 18.82 15.60 25.69
N ASP C 6 17.55 15.23 25.65
CA ASP C 6 16.66 15.41 26.77
C ASP C 6 16.84 14.30 27.77
N GLY C 7 17.11 13.09 27.28
CA GLY C 7 17.30 11.96 28.17
C GLY C 7 16.05 11.12 28.38
N ALA C 8 16.03 10.35 29.46
CA ALA C 8 14.91 9.48 29.76
C ALA C 8 14.04 9.91 30.94
N PHE C 9 12.73 9.82 30.73
CA PHE C 9 11.74 10.17 31.76
C PHE C 9 10.72 9.04 31.97
N THR C 10 9.59 9.41 32.55
CA THR C 10 8.54 8.45 32.85
C THR C 10 7.49 8.38 31.77
N GLY C 11 7.40 9.41 30.95
CA GLY C 11 6.40 9.42 29.91
C GLY C 11 6.37 10.80 29.29
N ILE C 12 5.39 11.06 28.45
CA ILE C 12 5.28 12.35 27.79
C ILE C 12 3.89 12.91 28.06
N ARG C 13 3.81 14.23 28.26
CA ARG C 13 2.53 14.86 28.54
C ARG C 13 2.14 15.87 27.47
N GLU C 14 3.16 16.52 26.89
CA GLU C 14 2.92 17.54 25.89
C GLU C 14 4.10 17.72 24.93
N ILE C 15 3.81 17.88 23.64
CA ILE C 15 4.87 18.09 22.67
C ILE C 15 4.62 19.42 22.01
N ASN C 16 5.66 20.23 21.89
CA ASN C 16 5.54 21.54 21.27
C ASN C 16 6.58 21.69 20.17
N LEU C 17 6.13 21.59 18.93
CA LEU C 17 7.02 21.73 17.80
C LEU C 17 6.59 22.89 16.93
N SER C 18 7.39 23.18 15.90
CA SER C 18 7.17 24.27 14.98
C SER C 18 7.49 23.78 13.57
N TYR C 19 6.87 24.38 12.56
CA TYR C 19 7.14 23.97 11.18
C TYR C 19 6.93 25.10 10.20
N ASN C 20 7.36 24.88 8.97
CA ASN C 20 7.19 25.85 7.89
C ASN C 20 6.65 25.00 6.75
N LYS C 21 5.68 25.50 6.06
CA LYS C 21 4.94 24.65 5.13
C LYS C 21 5.76 24.36 3.86
N GLU C 22 6.86 25.09 3.71
CA GLU C 22 7.70 24.97 2.49
C GLU C 22 9.13 24.48 2.75
N THR C 23 9.51 24.35 4.01
CA THR C 23 10.87 23.89 4.35
C THR C 23 10.81 22.61 5.18
N ALA C 24 10.85 22.68 6.46
CA ALA C 24 10.91 21.52 7.33
C ALA C 24 10.47 21.86 8.74
N ILE C 25 10.78 20.97 9.69
CA ILE C 25 10.46 21.14 11.11
C ILE C 25 11.51 22.12 11.68
N GLY C 26 11.07 23.01 12.57
CA GLY C 26 11.97 23.98 13.17
C GLY C 26 12.21 23.75 14.64
N ASP C 27 11.44 24.42 15.48
CA ASP C 27 11.59 24.28 16.93
C ASP C 27 11.06 22.94 17.43
N PHE C 28 11.61 22.49 18.56
CA PHE C 28 11.19 21.25 19.20
C PHE C 28 11.36 21.41 20.72
N GLN C 29 10.35 21.01 21.48
CA GLN C 29 10.40 21.12 22.94
C GLN C 29 9.31 20.23 23.53
N VAL C 30 9.66 19.35 24.46
CA VAL C 30 8.64 18.46 25.06
C VAL C 30 8.61 18.54 26.57
N VAL C 31 7.42 18.37 27.15
CA VAL C 31 7.26 18.37 28.60
C VAL C 31 6.91 16.95 28.99
N TYR C 32 7.80 16.36 29.78
CA TYR C 32 7.67 15.00 30.20
C TYR C 32 7.02 14.79 31.54
N ASP C 33 6.80 13.52 31.83
CA ASP C 33 6.27 13.14 33.11
C ASP C 33 7.49 12.61 33.84
N LEU C 34 7.77 13.17 35.00
CA LEU C 34 8.87 12.71 35.82
C LEU C 34 8.21 12.22 37.08
N ASN C 35 7.92 10.93 37.10
CA ASN C 35 7.29 10.24 38.24
C ASN C 35 6.01 10.87 38.78
N GLY C 36 5.11 11.30 37.90
CA GLY C 36 3.86 11.90 38.36
C GLY C 36 3.72 13.39 38.17
N SER C 37 4.85 14.09 38.26
CA SER C 37 4.88 15.53 38.09
C SER C 37 5.46 15.85 36.72
N PRO C 38 4.94 16.91 36.06
CA PRO C 38 5.44 17.28 34.75
C PRO C 38 6.84 17.80 34.89
N TYR C 39 7.58 17.77 33.79
CA TYR C 39 8.91 18.28 33.78
C TYR C 39 9.06 18.85 32.37
N VAL C 40 9.22 20.17 32.26
CA VAL C 40 9.36 20.78 30.95
C VAL C 40 10.81 20.69 30.52
N GLY C 41 11.04 20.26 29.29
CA GLY C 41 12.40 20.15 28.80
C GLY C 41 12.91 21.47 28.28
N GLN C 42 14.20 21.49 27.94
CA GLN C 42 14.85 22.66 27.39
C GLN C 42 14.21 22.96 26.04
N ASN C 43 14.05 24.24 25.70
CA ASN C 43 13.45 24.61 24.43
C ASN C 43 14.54 24.60 23.37
N HIS C 44 14.43 23.72 22.39
CA HIS C 44 15.46 23.67 21.36
C HIS C 44 14.96 24.47 20.18
N LYS C 45 15.48 25.67 20.07
CA LYS C 45 15.08 26.60 19.03
C LYS C 45 15.89 26.47 17.75
N SER C 46 15.33 26.99 16.68
CA SER C 46 15.97 26.99 15.38
C SER C 46 16.90 28.19 15.36
N PHE C 47 17.74 28.25 14.34
CA PHE C 47 18.66 29.36 14.20
C PHE C 47 17.88 30.52 13.58
N ILE C 48 16.73 30.21 12.95
CA ILE C 48 15.93 31.24 12.31
C ILE C 48 14.50 31.31 12.84
N THR C 49 13.68 32.16 12.22
CA THR C 49 12.28 32.34 12.62
C THR C 49 11.29 32.06 11.48
N GLY C 50 10.02 32.35 11.73
CA GLY C 50 9.00 32.15 10.73
C GLY C 50 8.51 30.72 10.65
N PHE C 51 8.16 30.18 11.81
CA PHE C 51 7.67 28.82 11.90
C PHE C 51 6.29 28.89 12.53
N THR C 52 5.47 27.88 12.26
CA THR C 52 4.14 27.81 12.79
C THR C 52 4.17 26.75 13.90
N PRO C 53 4.02 27.19 15.15
CA PRO C 53 4.02 26.35 16.34
C PRO C 53 2.83 25.40 16.41
N VAL C 54 3.04 24.29 17.12
CA VAL C 54 2.05 23.25 17.34
C VAL C 54 2.21 22.80 18.78
N LYS C 55 1.11 22.73 19.52
CA LYS C 55 1.11 22.26 20.90
C LYS C 55 0.26 20.98 20.93
N ILE C 56 0.88 19.87 21.32
CA ILE C 56 0.24 18.55 21.39
C ILE C 56 0.07 18.08 22.82
N SER C 57 -1.10 18.35 23.40
CA SER C 57 -1.38 17.93 24.76
C SER C 57 -2.04 16.56 24.78
N LEU C 58 -1.36 15.59 25.36
CA LEU C 58 -1.89 14.24 25.46
C LEU C 58 -2.61 14.14 26.79
N ASP C 59 -3.52 13.18 26.90
CA ASP C 59 -4.28 12.93 28.13
C ASP C 59 -3.37 11.96 28.91
N PHE C 60 -2.20 12.46 29.26
CA PHE C 60 -1.15 11.68 29.90
C PHE C 60 -1.31 10.20 30.25
N PRO C 61 -1.79 9.86 31.47
CA PRO C 61 -1.90 8.42 31.76
C PRO C 61 -2.55 7.54 30.69
N SER C 62 -3.70 7.99 30.22
CA SER C 62 -4.48 7.24 29.25
C SER C 62 -4.01 7.31 27.81
N GLU C 63 -3.57 8.48 27.36
CA GLU C 63 -3.15 8.64 25.98
C GLU C 63 -1.63 8.72 25.84
N TYR C 64 -1.08 7.81 25.05
CA TYR C 64 0.35 7.74 24.81
C TYR C 64 0.59 7.43 23.35
N ILE C 65 1.76 7.85 22.86
CA ILE C 65 2.16 7.65 21.47
C ILE C 65 2.33 6.21 21.06
N MET C 66 1.73 5.85 19.92
CA MET C 66 1.83 4.50 19.38
C MET C 66 2.74 4.43 18.15
N GLU C 67 2.84 5.53 17.40
CA GLU C 67 3.69 5.52 16.22
C GLU C 67 4.15 6.92 15.90
N VAL C 68 5.36 7.03 15.37
CA VAL C 68 5.97 8.31 14.98
C VAL C 68 6.43 8.13 13.55
N SER C 69 5.92 8.99 12.68
CA SER C 69 6.23 8.93 11.27
C SER C 69 6.68 10.31 10.81
N GLY C 70 7.24 10.39 9.62
CA GLY C 70 7.71 11.66 9.09
C GLY C 70 8.37 11.46 7.73
N TYR C 71 9.25 12.38 7.38
CA TYR C 71 9.98 12.37 6.11
C TYR C 71 11.30 13.07 6.30
N THR C 72 12.34 12.56 5.67
CA THR C 72 13.62 13.23 5.74
C THR C 72 13.92 13.61 4.30
N GLY C 73 14.50 14.67 4.08
CA GLY C 73 14.88 15.11 2.74
C GLY C 73 15.86 16.28 2.83
N ASN C 74 16.38 16.65 1.67
CA ASN C 74 17.35 17.74 1.55
C ASN C 74 16.63 19.03 1.15
N VAL C 75 16.85 20.06 1.97
CA VAL C 75 16.28 21.39 1.75
C VAL C 75 17.37 22.45 1.90
N SER C 76 17.77 22.82 0.65
CA SER C 76 18.87 23.76 0.47
C SER C 76 20.24 23.16 0.78
N GLY C 77 20.46 21.92 0.34
CA GLY C 77 21.74 21.27 0.59
C GLY C 77 21.84 20.59 1.95
N TYR C 78 20.82 20.76 2.78
CA TYR C 78 20.82 20.13 4.09
C TYR C 78 19.75 19.06 4.23
N VAL C 79 20.16 17.82 4.44
CA VAL C 79 19.19 16.76 4.64
C VAL C 79 18.70 16.96 6.07
N VAL C 80 17.39 17.22 6.21
CA VAL C 80 16.78 17.48 7.51
C VAL C 80 15.46 16.71 7.61
N VAL C 81 14.76 16.85 8.74
CA VAL C 81 13.45 16.22 8.93
C VAL C 81 12.44 17.25 8.41
N ARG C 82 11.68 16.90 7.38
CA ARG C 82 10.73 17.83 6.79
C ARG C 82 9.31 17.77 7.31
N SER C 83 8.94 16.61 7.82
CA SER C 83 7.61 16.38 8.34
C SER C 83 7.71 15.41 9.51
N LEU C 84 6.77 15.52 10.44
CA LEU C 84 6.75 14.68 11.62
C LEU C 84 5.28 14.54 11.99
N THR C 85 4.87 13.35 12.42
CA THR C 85 3.48 13.13 12.84
C THR C 85 3.39 12.11 13.97
N PHE C 86 2.57 12.39 14.96
CA PHE C 86 2.43 11.48 16.08
C PHE C 86 1.05 10.90 16.21
N LYS C 87 0.95 9.58 16.14
CA LYS C 87 -0.32 8.91 16.30
C LYS C 87 -0.34 8.28 17.67
N THR C 88 -1.41 8.51 18.41
CA THR C 88 -1.57 7.97 19.75
C THR C 88 -2.69 6.96 19.78
N ASN C 89 -2.97 6.41 20.96
CA ASN C 89 -4.04 5.42 21.12
C ASN C 89 -5.39 6.09 21.04
N LYS C 90 -5.43 7.41 20.93
CA LYS C 90 -6.69 8.13 20.89
C LYS C 90 -6.89 9.06 19.69
N LYS C 91 -5.80 9.62 19.14
CA LYS C 91 -5.89 10.55 18.00
C LYS C 91 -4.60 10.54 17.16
N THR C 92 -4.68 11.18 16.00
CA THR C 92 -3.52 11.34 15.12
C THR C 92 -3.23 12.83 15.03
N TYR C 93 -2.01 13.23 15.37
CA TYR C 93 -1.66 14.64 15.30
C TYR C 93 -0.98 14.84 13.99
N GLY C 94 -1.88 14.89 12.99
CA GLY C 94 -1.64 15.04 11.57
C GLY C 94 -0.31 15.53 11.11
N PRO C 95 0.08 15.17 9.89
CA PRO C 95 1.38 15.58 9.34
C PRO C 95 1.71 17.06 9.44
N TYR C 96 2.79 17.37 10.16
CA TYR C 96 3.25 18.73 10.32
C TYR C 96 4.49 18.88 9.48
N GLY C 97 4.56 19.93 8.66
CA GLY C 97 5.72 20.16 7.79
C GLY C 97 5.50 19.71 6.34
N VAL C 98 6.56 19.58 5.56
CA VAL C 98 6.40 19.14 4.17
C VAL C 98 6.44 17.63 4.13
N THR C 99 5.48 17.01 3.44
CA THR C 99 5.49 15.56 3.35
C THR C 99 6.17 15.09 2.05
N SER C 100 7.44 15.48 1.89
CA SER C 100 8.26 15.12 0.73
C SER C 100 9.58 14.54 1.21
N GLY C 101 10.24 13.77 0.34
CA GLY C 101 11.53 13.15 0.64
C GLY C 101 11.38 11.64 0.79
N THR C 102 12.14 11.02 1.70
CA THR C 102 12.01 9.58 1.96
C THR C 102 11.33 9.40 3.30
N PRO C 103 10.42 8.42 3.39
CA PRO C 103 9.68 8.11 4.62
C PRO C 103 10.35 7.22 5.64
N PHE C 104 9.76 7.23 6.84
CA PHE C 104 10.21 6.43 7.97
C PHE C 104 9.03 6.36 8.94
N ASN C 105 8.94 5.27 9.69
CA ASN C 105 7.90 5.15 10.69
C ASN C 105 8.31 4.17 11.75
N LEU C 106 8.07 4.56 12.99
CA LEU C 106 8.41 3.73 14.10
C LEU C 106 7.18 3.44 14.90
N PRO C 107 6.56 2.28 14.65
CA PRO C 107 5.35 1.85 15.37
C PRO C 107 5.85 1.12 16.61
N ILE C 108 5.25 1.29 17.77
CA ILE C 108 5.71 0.54 18.95
C ILE C 108 4.61 -0.46 19.31
N GLU C 109 4.94 -1.75 19.35
CA GLU C 109 3.93 -2.74 19.66
C GLU C 109 3.78 -2.95 21.18
N ASN C 110 4.89 -2.81 21.89
CA ASN C 110 4.94 -2.94 23.35
C ASN C 110 6.15 -2.11 23.76
N GLY C 111 5.90 -1.01 24.47
CA GLY C 111 6.98 -0.15 24.89
C GLY C 111 6.43 1.26 24.93
N LEU C 112 7.22 2.22 25.40
CA LEU C 112 6.79 3.61 25.51
C LEU C 112 7.93 4.48 25.07
N ILE C 113 7.60 5.60 24.42
CA ILE C 113 8.62 6.57 24.02
C ILE C 113 8.81 7.34 25.33
N VAL C 114 10.06 7.41 25.75
CA VAL C 114 10.38 8.02 27.01
C VAL C 114 11.37 9.21 26.97
N GLY C 115 11.93 9.52 25.81
CA GLY C 115 12.85 10.64 25.73
C GLY C 115 13.23 10.96 24.31
N PHE C 116 13.81 12.13 24.10
CA PHE C 116 14.21 12.57 22.76
C PHE C 116 15.63 13.12 22.74
N LYS C 117 16.30 12.99 21.60
CA LYS C 117 17.64 13.52 21.36
C LYS C 117 17.70 13.75 19.86
N GLY C 118 18.56 14.66 19.42
CA GLY C 118 18.67 14.96 18.01
C GLY C 118 19.49 16.22 17.84
N SER C 119 19.19 16.98 16.79
CA SER C 119 19.93 18.19 16.51
C SER C 119 19.10 19.17 15.70
N ILE C 120 19.32 20.47 15.94
CA ILE C 120 18.57 21.53 15.24
C ILE C 120 19.48 22.69 14.85
N GLY C 121 19.34 23.13 13.61
CA GLY C 121 20.12 24.26 13.11
C GLY C 121 19.05 25.20 12.60
N TYR C 122 18.88 25.25 11.29
CA TYR C 122 17.82 26.04 10.71
C TYR C 122 16.57 25.16 10.83
N TRP C 123 16.79 23.86 10.66
CA TRP C 123 15.74 22.87 10.73
C TRP C 123 16.22 21.70 11.61
N LEU C 124 15.32 20.77 11.90
CA LEU C 124 15.67 19.60 12.72
C LEU C 124 16.52 18.69 11.85
N ASP C 125 17.81 18.59 12.17
CA ASP C 125 18.72 17.78 11.36
C ASP C 125 18.46 16.30 11.50
N TYR C 126 18.29 15.83 12.73
CA TYR C 126 18.05 14.44 13.00
C TYR C 126 17.53 14.30 14.41
N PHE C 127 17.10 13.09 14.75
CA PHE C 127 16.58 12.81 16.07
C PHE C 127 16.46 11.30 16.29
N SER C 128 16.50 10.91 17.56
CA SER C 128 16.40 9.50 17.96
C SER C 128 15.51 9.47 19.17
N MET C 129 14.92 8.32 19.48
CA MET C 129 14.06 8.28 20.64
C MET C 129 14.49 7.18 21.59
N TYR C 130 14.27 7.40 22.89
CA TYR C 130 14.57 6.42 23.93
C TYR C 130 13.28 5.63 24.13
N LEU C 131 13.40 4.31 24.22
CA LEU C 131 12.23 3.46 24.41
C LEU C 131 12.34 2.74 25.75
N SER C 132 11.20 2.39 26.34
CA SER C 132 11.23 1.70 27.61
C SER C 132 9.95 0.93 27.80
N LEU C 133 9.90 0.16 28.87
CA LEU C 133 8.78 -0.68 29.19
C LEU C 133 7.92 -0.01 30.28
N SER D 4 29.53 2.87 33.80
CA SER D 4 28.61 2.56 34.89
C SER D 4 28.26 3.84 35.65
N GLY D 5 27.38 3.70 36.62
CA GLY D 5 26.93 4.81 37.46
C GLY D 5 25.69 5.47 36.84
N LYS D 6 25.66 5.61 35.50
CA LYS D 6 24.52 6.18 34.78
C LYS D 6 23.66 5.07 34.20
N SER D 7 22.34 5.27 34.27
CA SER D 7 21.37 4.32 33.75
C SER D 7 21.36 4.34 32.21
N GLN D 8 21.01 3.21 31.61
CA GLN D 8 20.96 3.13 30.15
C GLN D 8 19.63 2.60 29.65
N THR D 9 19.27 3.01 28.44
CA THR D 9 18.00 2.63 27.84
C THR D 9 18.18 2.41 26.33
N VAL D 10 17.29 1.65 25.71
CA VAL D 10 17.41 1.43 24.28
C VAL D 10 17.06 2.71 23.58
N ILE D 11 17.95 3.14 22.71
CA ILE D 11 17.67 4.34 21.99
C ILE D 11 17.66 3.92 20.51
N VAL D 12 16.63 4.36 19.83
CA VAL D 12 16.45 3.98 18.47
C VAL D 12 16.56 5.07 17.45
N GLY D 13 17.23 4.70 16.38
CA GLY D 13 17.37 5.60 15.28
C GLY D 13 18.56 6.49 15.09
N SER D 14 18.16 7.66 14.63
CA SER D 14 18.95 8.79 14.23
C SER D 14 18.36 8.82 12.81
N TRP D 15 17.24 9.54 12.67
CA TRP D 15 16.54 9.70 11.39
C TRP D 15 16.83 11.14 10.94
N GLY D 16 17.36 11.29 9.73
CA GLY D 16 17.69 12.61 9.22
C GLY D 16 19.12 12.62 8.68
N ALA D 17 19.90 13.69 8.96
CA ALA D 17 21.31 13.74 8.55
C ALA D 17 22.04 12.50 9.09
N LYS D 18 22.85 11.92 8.22
CA LYS D 18 23.62 10.71 8.54
C LYS D 18 24.59 10.96 9.69
N GLY E 1 -11.04 10.43 5.57
CA GLY E 1 -11.30 11.63 4.71
C GLY E 1 -12.79 11.76 4.62
N LYS E 2 -13.29 12.86 4.05
CA LYS E 2 -14.73 13.07 3.94
C LYS E 2 -15.29 12.34 2.71
N ALA E 3 -16.30 11.48 2.90
CA ALA E 3 -16.90 10.73 1.81
C ALA E 3 -17.87 11.52 0.94
N PHE E 4 -17.89 11.21 -0.35
CA PHE E 4 -18.77 11.88 -1.26
C PHE E 4 -19.34 10.86 -2.21
N ASP E 5 -20.50 11.18 -2.78
CA ASP E 5 -21.15 10.30 -3.72
C ASP E 5 -22.00 11.22 -4.55
N ASP E 6 -21.64 11.38 -5.82
CA ASP E 6 -22.38 12.26 -6.72
C ASP E 6 -23.64 11.67 -7.34
N GLY E 7 -23.62 10.37 -7.60
CA GLY E 7 -24.78 9.73 -8.18
C GLY E 7 -24.57 9.50 -9.64
N ALA E 8 -25.62 9.02 -10.30
CA ALA E 8 -25.53 8.74 -11.72
C ALA E 8 -26.25 9.84 -12.47
N PHE E 9 -25.69 10.20 -13.60
CA PHE E 9 -26.27 11.24 -14.43
C PHE E 9 -26.32 10.68 -15.85
N THR E 10 -26.43 11.56 -16.85
CA THR E 10 -26.52 11.18 -18.27
C THR E 10 -25.20 11.21 -19.05
N GLY E 11 -24.20 11.89 -18.52
CA GLY E 11 -22.94 11.98 -19.21
C GLY E 11 -22.05 12.92 -18.43
N ILE E 12 -20.87 13.21 -18.97
CA ILE E 12 -19.91 14.07 -18.27
C ILE E 12 -19.50 15.17 -19.23
N ARG E 13 -19.65 16.42 -18.79
CA ARG E 13 -19.29 17.56 -19.62
C ARG E 13 -17.89 18.15 -19.32
N GLU E 14 -17.56 18.30 -18.04
CA GLU E 14 -16.27 18.85 -17.64
C GLU E 14 -15.81 18.38 -16.28
N ILE E 15 -14.51 18.14 -16.14
CA ILE E 15 -13.92 17.67 -14.89
C ILE E 15 -12.90 18.65 -14.36
N ASN E 16 -12.99 18.98 -13.08
CA ASN E 16 -12.04 19.90 -12.44
C ASN E 16 -11.32 19.21 -11.28
N LEU E 17 -10.03 18.90 -11.46
CA LEU E 17 -9.26 18.25 -10.40
C LEU E 17 -8.07 19.11 -9.96
N SER E 18 -7.43 18.69 -8.88
CA SER E 18 -6.27 19.38 -8.32
C SER E 18 -5.24 18.35 -7.95
N TYR E 19 -3.98 18.74 -7.92
CA TYR E 19 -2.93 17.80 -7.56
C TYR E 19 -1.68 18.54 -7.20
N ASN E 20 -0.82 17.87 -6.45
CA ASN E 20 0.46 18.42 -6.04
C ASN E 20 1.43 17.46 -6.69
N LYS E 21 2.58 17.97 -7.10
CA LYS E 21 3.46 17.12 -7.90
C LYS E 21 4.34 16.24 -7.00
N GLU E 22 4.24 16.47 -5.70
CA GLU E 22 5.06 15.73 -4.72
C GLU E 22 4.24 14.77 -3.84
N THR E 23 2.93 14.87 -3.91
CA THR E 23 2.07 14.00 -3.09
C THR E 23 1.00 13.33 -3.96
N ALA E 24 -0.16 13.87 -4.15
CA ALA E 24 -1.23 13.17 -4.84
C ALA E 24 -2.33 14.12 -5.34
N ILE E 25 -3.51 13.58 -5.57
CA ILE E 25 -4.66 14.37 -6.02
C ILE E 25 -5.47 14.98 -4.86
N GLY E 26 -5.73 16.28 -4.95
CA GLY E 26 -6.47 16.97 -3.92
C GLY E 26 -7.94 17.10 -4.29
N ASP E 27 -8.37 18.32 -4.59
CA ASP E 27 -9.76 18.60 -4.95
C ASP E 27 -10.29 17.83 -6.16
N PHE E 28 -11.59 17.55 -6.14
CA PHE E 28 -12.29 16.83 -7.23
C PHE E 28 -13.71 17.36 -7.41
N GLN E 29 -14.05 17.71 -8.64
CA GLN E 29 -15.38 18.22 -8.98
C GLN E 29 -15.64 18.01 -10.45
N VAL E 30 -16.90 17.84 -10.82
CA VAL E 30 -17.22 17.64 -12.22
C VAL E 30 -18.61 18.13 -12.55
N VAL E 31 -18.72 18.71 -13.74
CA VAL E 31 -19.99 19.19 -14.19
C VAL E 31 -20.53 18.12 -15.14
N TYR E 32 -21.60 17.48 -14.69
CA TYR E 32 -22.25 16.42 -15.42
C TYR E 32 -23.21 16.95 -16.46
N ASP E 33 -23.84 16.03 -17.18
CA ASP E 33 -24.84 16.40 -18.14
C ASP E 33 -26.08 15.75 -17.60
N LEU E 34 -27.09 16.53 -17.25
CA LEU E 34 -28.35 15.98 -16.79
C LEU E 34 -29.38 16.22 -17.92
N ASN E 35 -29.62 15.15 -18.67
CA ASN E 35 -30.55 15.14 -19.81
C ASN E 35 -30.41 16.31 -20.78
N GLY E 36 -29.22 16.51 -21.32
CA GLY E 36 -29.03 17.61 -22.26
C GLY E 36 -28.58 18.93 -21.67
N SER E 37 -28.84 19.17 -20.38
CA SER E 37 -28.41 20.43 -19.74
C SER E 37 -27.26 20.13 -18.81
N PRO E 38 -26.33 21.08 -18.67
CA PRO E 38 -25.21 20.83 -17.77
C PRO E 38 -25.71 20.80 -16.34
N TYR E 39 -25.14 19.91 -15.55
CA TYR E 39 -25.50 19.82 -14.16
C TYR E 39 -24.19 19.85 -13.42
N VAL E 40 -23.92 20.96 -12.74
CA VAL E 40 -22.69 21.13 -11.99
C VAL E 40 -22.74 20.39 -10.63
N GLY E 41 -21.88 19.38 -10.49
CA GLY E 41 -21.80 18.61 -9.26
C GLY E 41 -21.17 19.41 -8.13
N GLN E 42 -21.19 18.86 -6.92
CA GLN E 42 -20.62 19.58 -5.78
C GLN E 42 -19.10 19.53 -5.77
N ASN E 43 -18.48 20.61 -5.31
CA ASN E 43 -17.01 20.68 -5.24
C ASN E 43 -16.58 19.93 -3.99
N HIS E 44 -15.74 18.92 -4.15
CA HIS E 44 -15.28 18.14 -3.03
C HIS E 44 -13.84 18.55 -2.82
N LYS E 45 -13.60 19.34 -1.78
CA LYS E 45 -12.27 19.83 -1.49
C LYS E 45 -11.45 18.98 -0.52
N SER E 46 -10.14 19.21 -0.58
CA SER E 46 -9.12 18.58 0.26
C SER E 46 -9.16 19.34 1.59
N PHE E 47 -8.63 18.75 2.65
CA PHE E 47 -8.62 19.46 3.92
C PHE E 47 -7.48 20.48 3.90
N ILE E 48 -6.62 20.41 2.88
CA ILE E 48 -5.49 21.33 2.77
C ILE E 48 -5.49 22.03 1.40
N THR E 49 -4.53 22.95 1.22
CA THR E 49 -4.39 23.70 -0.04
C THR E 49 -3.01 23.44 -0.66
N GLY E 50 -2.64 24.23 -1.66
CA GLY E 50 -1.33 24.08 -2.29
C GLY E 50 -1.33 23.25 -3.57
N PHE E 51 -2.52 22.93 -4.06
CA PHE E 51 -2.66 22.16 -5.27
C PHE E 51 -2.68 22.99 -6.54
N THR E 52 -2.43 22.30 -7.64
CA THR E 52 -2.41 22.95 -8.93
C THR E 52 -3.68 22.43 -9.58
N PRO E 53 -4.57 23.36 -9.97
CA PRO E 53 -5.86 23.12 -10.62
C PRO E 53 -5.79 22.79 -12.10
N VAL E 54 -6.68 21.91 -12.54
CA VAL E 54 -6.75 21.50 -13.93
C VAL E 54 -8.23 21.42 -14.25
N LYS E 55 -8.59 21.95 -15.42
CA LYS E 55 -9.97 21.87 -15.87
C LYS E 55 -9.93 21.04 -17.15
N ILE E 56 -10.77 20.02 -17.21
CA ILE E 56 -10.85 19.14 -18.37
C ILE E 56 -12.22 19.36 -19.00
N SER E 57 -12.25 20.10 -20.10
CA SER E 57 -13.50 20.35 -20.77
C SER E 57 -13.59 19.40 -21.94
N LEU E 58 -14.63 18.58 -21.94
CA LEU E 58 -14.84 17.62 -23.00
C LEU E 58 -15.79 18.23 -24.04
N ASP E 59 -15.60 17.86 -25.29
CA ASP E 59 -16.42 18.30 -26.40
C ASP E 59 -17.62 17.36 -26.26
N PHE E 60 -18.41 17.61 -25.22
CA PHE E 60 -19.54 16.76 -24.83
C PHE E 60 -20.06 15.53 -25.58
N PRO E 61 -21.14 15.66 -26.38
CA PRO E 61 -21.58 14.43 -27.02
C PRO E 61 -20.53 13.62 -27.73
N SER E 62 -19.83 14.25 -28.67
CA SER E 62 -18.83 13.53 -29.46
C SER E 62 -17.62 13.03 -28.73
N GLU E 63 -17.24 13.71 -27.64
CA GLU E 63 -16.09 13.28 -26.84
C GLU E 63 -16.54 12.73 -25.51
N TYR E 64 -16.09 11.52 -25.18
CA TYR E 64 -16.44 10.87 -23.93
C TYR E 64 -15.22 10.07 -23.53
N ILE E 65 -15.10 9.76 -22.24
CA ILE E 65 -13.97 9.01 -21.70
C ILE E 65 -14.01 7.54 -22.11
N MET E 66 -12.84 7.00 -22.42
CA MET E 66 -12.74 5.60 -22.83
C MET E 66 -11.80 4.81 -21.93
N GLU E 67 -11.04 5.50 -21.08
CA GLU E 67 -10.12 4.83 -20.18
C GLU E 67 -9.60 5.73 -19.09
N VAL E 68 -9.71 5.27 -17.85
CA VAL E 68 -9.24 6.02 -16.71
C VAL E 68 -8.11 5.20 -16.07
N SER E 69 -6.98 5.88 -15.87
CA SER E 69 -5.77 5.28 -15.29
C SER E 69 -5.21 6.12 -14.16
N GLY E 70 -4.29 5.55 -13.40
CA GLY E 70 -3.69 6.27 -12.30
C GLY E 70 -2.83 5.36 -11.45
N TYR E 71 -2.40 5.89 -10.30
CA TYR E 71 -1.55 5.17 -9.36
C TYR E 71 -2.08 5.39 -7.97
N THR E 72 -1.99 4.35 -7.15
CA THR E 72 -2.40 4.46 -5.77
C THR E 72 -1.10 4.23 -5.07
N GLY E 73 -0.91 4.90 -3.95
CA GLY E 73 0.31 4.75 -3.21
C GLY E 73 0.23 5.37 -1.84
N ASN E 74 1.29 5.15 -1.07
CA ASN E 74 1.40 5.61 0.29
C ASN E 74 1.94 7.01 0.38
N VAL E 75 1.17 7.94 0.92
CA VAL E 75 1.65 9.29 1.11
C VAL E 75 1.34 9.57 2.56
N SER E 76 2.41 9.78 3.33
CA SER E 76 2.33 10.02 4.77
C SER E 76 1.61 8.91 5.53
N GLY E 77 1.80 7.68 5.10
CA GLY E 77 1.18 6.56 5.78
C GLY E 77 -0.23 6.24 5.35
N TYR E 78 -0.83 7.10 4.53
CA TYR E 78 -2.18 6.88 4.03
C TYR E 78 -2.12 6.46 2.58
N VAL E 79 -2.80 5.39 2.26
CA VAL E 79 -2.82 4.94 0.87
C VAL E 79 -3.88 5.82 0.16
N VAL E 80 -3.48 6.48 -0.92
CA VAL E 80 -4.35 7.40 -1.64
C VAL E 80 -4.16 7.27 -3.14
N VAL E 81 -4.87 8.09 -3.90
CA VAL E 81 -4.75 8.07 -5.35
C VAL E 81 -3.71 9.13 -5.71
N ARG E 82 -2.54 8.71 -6.16
CA ARG E 82 -1.50 9.66 -6.47
C ARG E 82 -1.49 10.29 -7.87
N SER E 83 -1.92 9.56 -8.90
CA SER E 83 -1.99 10.16 -10.23
C SER E 83 -3.29 9.77 -10.90
N LEU E 84 -3.73 10.57 -11.86
CA LEU E 84 -4.96 10.28 -12.57
C LEU E 84 -4.77 10.75 -14.00
N THR E 85 -5.23 9.94 -14.95
CA THR E 85 -5.17 10.27 -16.37
C THR E 85 -6.46 9.76 -17.07
N PHE E 86 -7.08 10.64 -17.83
CA PHE E 86 -8.33 10.33 -18.53
C PHE E 86 -8.08 10.31 -20.02
N LYS E 87 -8.38 9.19 -20.66
CA LYS E 87 -8.20 9.04 -22.10
C LYS E 87 -9.54 9.07 -22.79
N THR E 88 -9.78 10.05 -23.66
CA THR E 88 -11.06 10.12 -24.37
C THR E 88 -10.88 9.65 -25.79
N ASN E 89 -11.97 9.56 -26.55
CA ASN E 89 -11.89 9.12 -27.95
C ASN E 89 -11.19 10.14 -28.84
N LYS E 90 -10.89 11.31 -28.30
CA LYS E 90 -10.25 12.35 -29.08
C LYS E 90 -8.87 12.75 -28.56
N LYS E 91 -8.67 12.71 -27.24
CA LYS E 91 -7.40 13.16 -26.66
C LYS E 91 -7.10 12.41 -25.37
N THR E 92 -5.90 12.60 -24.85
CA THR E 92 -5.49 12.00 -23.58
C THR E 92 -5.15 13.14 -22.65
N TYR E 93 -5.83 13.23 -21.52
CA TYR E 93 -5.57 14.30 -20.57
C TYR E 93 -4.46 13.89 -19.64
N GLY E 94 -3.24 14.14 -20.17
CA GLY E 94 -1.95 13.85 -19.56
C GLY E 94 -2.00 13.60 -18.09
N PRO E 95 -1.13 12.72 -17.58
CA PRO E 95 -1.08 12.38 -16.15
C PRO E 95 -0.94 13.56 -15.21
N TYR E 96 -1.77 13.58 -14.18
CA TYR E 96 -1.75 14.61 -13.16
C TYR E 96 -1.39 13.90 -11.86
N GLY E 97 -0.55 14.53 -11.06
CA GLY E 97 -0.14 13.94 -9.79
C GLY E 97 1.19 13.22 -9.92
N VAL E 98 1.40 12.20 -9.10
CA VAL E 98 2.64 11.46 -9.12
C VAL E 98 2.45 10.06 -9.69
N THR E 99 3.19 9.72 -10.75
CA THR E 99 3.07 8.40 -11.37
C THR E 99 4.06 7.40 -10.77
N SER E 100 3.78 6.97 -9.55
CA SER E 100 4.67 6.06 -8.81
C SER E 100 3.78 5.29 -7.84
N GLY E 101 3.95 3.97 -7.78
CA GLY E 101 3.13 3.17 -6.89
C GLY E 101 2.59 1.99 -7.67
N THR E 102 1.42 1.49 -7.29
CA THR E 102 0.86 0.39 -8.05
C THR E 102 -0.20 0.98 -8.98
N PRO E 103 -0.06 0.70 -10.28
CA PRO E 103 -0.97 1.17 -11.32
C PRO E 103 -2.31 0.43 -11.31
N PHE E 104 -3.31 1.07 -11.90
CA PHE E 104 -4.64 0.51 -12.04
C PHE E 104 -5.17 1.17 -13.29
N ASN E 105 -6.07 0.51 -14.00
CA ASN E 105 -6.64 1.10 -15.21
C ASN E 105 -7.98 0.49 -15.57
N LEU E 106 -8.84 1.32 -16.13
CA LEU E 106 -10.16 0.89 -16.51
C LEU E 106 -10.51 1.35 -17.89
N PRO E 107 -10.29 0.50 -18.90
CA PRO E 107 -10.64 0.94 -20.24
C PRO E 107 -12.07 0.40 -20.43
N ILE E 108 -12.97 1.16 -21.06
CA ILE E 108 -14.34 0.67 -21.30
C ILE E 108 -14.45 0.25 -22.75
N GLU E 109 -14.93 -0.98 -22.96
CA GLU E 109 -15.11 -1.41 -24.34
C GLU E 109 -16.49 -0.95 -24.81
N ASN E 110 -17.52 -1.20 -24.01
CA ASN E 110 -18.85 -0.75 -24.34
C ASN E 110 -19.46 -0.22 -23.04
N GLY E 111 -19.90 1.03 -23.06
CA GLY E 111 -20.48 1.62 -21.87
C GLY E 111 -20.04 3.06 -21.72
N LEU E 112 -20.30 3.67 -20.56
CA LEU E 112 -19.97 5.08 -20.35
C LEU E 112 -19.78 5.38 -18.85
N ILE E 113 -18.80 6.20 -18.51
CA ILE E 113 -18.62 6.57 -17.10
C ILE E 113 -19.73 7.58 -16.92
N VAL E 114 -20.51 7.42 -15.87
CA VAL E 114 -21.64 8.30 -15.69
C VAL E 114 -21.76 8.90 -14.31
N GLY E 115 -20.80 8.64 -13.44
CA GLY E 115 -20.85 9.19 -12.10
C GLY E 115 -19.63 8.81 -11.31
N PHE E 116 -19.39 9.55 -10.23
CA PHE E 116 -18.25 9.33 -9.35
C PHE E 116 -18.70 9.36 -7.89
N LYS E 117 -17.95 8.66 -7.03
CA LYS E 117 -18.16 8.60 -5.59
C LYS E 117 -16.76 8.31 -5.04
N GLY E 118 -16.46 8.76 -3.83
CA GLY E 118 -15.14 8.52 -3.25
C GLY E 118 -14.99 9.10 -1.86
N SER E 119 -13.79 9.61 -1.55
CA SER E 119 -13.51 10.20 -0.24
C SER E 119 -12.29 11.06 -0.41
N ILE E 120 -12.24 12.18 0.30
CA ILE E 120 -11.12 13.11 0.20
C ILE E 120 -10.77 13.66 1.59
N GLY E 121 -9.51 13.47 1.98
CA GLY E 121 -9.04 13.97 3.27
C GLY E 121 -8.05 15.01 2.84
N TYR E 122 -6.77 14.78 3.09
CA TYR E 122 -5.77 15.72 2.63
C TYR E 122 -5.65 15.46 1.13
N TRP E 123 -5.82 14.20 0.75
CA TRP E 123 -5.73 13.78 -0.63
C TRP E 123 -6.91 12.86 -0.94
N LEU E 124 -7.06 12.48 -2.21
CA LEU E 124 -8.16 11.58 -2.61
C LEU E 124 -7.88 10.17 -2.11
N ASP E 125 -8.61 9.74 -1.08
CA ASP E 125 -8.43 8.43 -0.49
C ASP E 125 -8.76 7.29 -1.43
N TYR E 126 -9.93 7.35 -2.05
CA TYR E 126 -10.36 6.33 -2.98
C TYR E 126 -11.51 6.88 -3.80
N PHE E 127 -11.83 6.22 -4.89
CA PHE E 127 -12.93 6.64 -5.72
C PHE E 127 -13.49 5.44 -6.46
N SER E 128 -14.75 5.55 -6.90
CA SER E 128 -15.47 4.51 -7.64
C SER E 128 -16.24 5.23 -8.77
N MET E 129 -16.63 4.51 -9.81
CA MET E 129 -17.33 5.14 -10.93
C MET E 129 -18.61 4.40 -11.29
N TYR E 130 -19.66 5.13 -11.61
CA TYR E 130 -20.92 4.52 -12.01
C TYR E 130 -20.76 4.32 -13.48
N LEU E 131 -21.15 3.16 -13.97
CA LEU E 131 -21.02 2.83 -15.38
C LEU E 131 -22.41 2.57 -15.92
N SER E 132 -22.71 3.14 -17.07
CA SER E 132 -24.00 2.92 -17.70
C SER E 132 -23.83 2.79 -19.21
N LEU E 133 -24.86 2.30 -19.85
CA LEU E 133 -24.87 2.06 -21.27
C LEU E 133 -25.59 3.26 -21.94
N SER F 4 -36.30 -0.56 -2.30
CA SER F 4 -36.84 -0.31 -3.64
C SER F 4 -37.11 1.18 -3.82
N GLY F 5 -37.60 1.53 -4.99
CA GLY F 5 -37.95 2.92 -5.33
C GLY F 5 -36.76 3.64 -5.98
N LYS F 6 -35.48 3.38 -5.64
CA LYS F 6 -34.29 4.03 -6.20
C LYS F 6 -33.69 3.18 -7.32
N SER F 7 -33.51 3.80 -8.48
CA SER F 7 -32.92 3.16 -9.65
C SER F 7 -31.46 2.81 -9.33
N GLN F 8 -30.99 1.66 -9.82
CA GLN F 8 -29.60 1.27 -9.61
C GLN F 8 -28.80 1.28 -10.89
N THR F 9 -27.47 1.22 -10.79
CA THR F 9 -26.55 1.21 -11.95
C THR F 9 -25.27 0.48 -11.53
N VAL F 10 -24.64 -0.26 -12.44
CA VAL F 10 -23.44 -0.98 -12.04
C VAL F 10 -22.38 0.03 -11.70
N ILE F 11 -21.91 -0.03 -10.45
CA ILE F 11 -20.87 0.87 -10.00
C ILE F 11 -19.62 0.02 -9.83
N VAL F 12 -18.57 0.45 -10.49
CA VAL F 12 -17.36 -0.31 -10.50
C VAL F 12 -16.23 0.33 -9.75
N GLY F 13 -15.49 -0.50 -9.04
CA GLY F 13 -14.34 0.03 -8.39
C GLY F 13 -14.24 0.07 -6.90
N SER F 14 -13.41 1.05 -6.56
CA SER F 14 -12.96 1.43 -5.25
C SER F 14 -11.46 1.12 -5.41
N TRP F 15 -10.74 2.11 -5.94
CA TRP F 15 -9.30 2.01 -6.13
C TRP F 15 -8.77 3.05 -5.19
N GLY F 16 -7.84 2.65 -4.33
CA GLY F 16 -7.25 3.55 -3.36
C GLY F 16 -7.32 2.86 -2.01
N ALA F 17 -7.46 3.62 -0.93
CA ALA F 17 -7.61 3.06 0.42
C ALA F 17 -8.86 2.17 0.48
N LYS F 18 -8.89 1.32 1.49
CA LYS F 18 -10.00 0.38 1.70
C LYS F 18 -11.04 0.99 2.65
N GLY G 1 -2.99 -14.44 -31.81
CA GLY G 1 -3.72 -15.55 -31.17
C GLY G 1 -5.12 -15.57 -31.71
N LYS G 2 -5.89 -16.61 -31.41
CA LYS G 2 -7.26 -16.68 -31.88
C LYS G 2 -8.21 -16.01 -30.89
N ALA G 3 -8.90 -14.98 -31.36
CA ALA G 3 -9.86 -14.23 -30.55
C ALA G 3 -11.12 -15.04 -30.24
N PHE G 4 -11.66 -14.86 -29.05
CA PHE G 4 -12.88 -15.55 -28.66
C PHE G 4 -13.86 -14.56 -28.05
N ASP G 5 -15.12 -14.97 -27.87
CA ASP G 5 -16.14 -14.11 -27.29
C ASP G 5 -17.34 -14.96 -26.94
N ASP G 6 -17.50 -15.26 -25.65
CA ASP G 6 -18.59 -16.08 -25.16
C ASP G 6 -19.92 -15.36 -25.17
N GLY G 7 -19.91 -14.07 -24.85
CA GLY G 7 -21.13 -13.30 -24.80
C GLY G 7 -21.60 -13.11 -23.38
N ALA G 8 -22.88 -12.79 -23.22
CA ALA G 8 -23.45 -12.56 -21.91
C ALA G 8 -24.54 -13.57 -21.53
N PHE G 9 -24.44 -14.10 -20.32
CA PHE G 9 -25.37 -15.07 -19.79
C PHE G 9 -26.00 -14.48 -18.52
N THR G 10 -26.57 -15.31 -17.65
CA THR G 10 -27.18 -14.75 -16.46
C THR G 10 -26.33 -14.86 -15.20
N GLY G 11 -25.12 -15.39 -15.35
CA GLY G 11 -24.25 -15.56 -14.20
C GLY G 11 -23.12 -16.55 -14.48
N ILE G 12 -22.32 -16.80 -13.46
CA ILE G 12 -21.20 -17.73 -13.58
C ILE G 12 -21.26 -18.82 -12.54
N ARG G 13 -21.13 -20.07 -12.98
CA ARG G 13 -21.18 -21.24 -12.10
C ARG G 13 -19.83 -21.91 -11.80
N GLU G 14 -18.94 -21.94 -12.80
CA GLU G 14 -17.62 -22.57 -12.66
C GLU G 14 -16.61 -22.05 -13.69
N ILE G 15 -15.38 -21.78 -13.23
CA ILE G 15 -14.31 -21.31 -14.13
C ILE G 15 -13.18 -22.33 -14.17
N ASN G 16 -12.81 -22.77 -15.37
CA ASN G 16 -11.72 -23.73 -15.56
C ASN G 16 -10.58 -23.07 -16.32
N LEU G 17 -9.52 -22.66 -15.62
CA LEU G 17 -8.40 -22.04 -16.31
C LEU G 17 -7.18 -22.98 -16.33
N SER G 18 -6.07 -22.48 -16.85
CA SER G 18 -4.85 -23.27 -16.95
C SER G 18 -3.68 -22.28 -17.00
N TYR G 19 -2.54 -22.64 -16.43
CA TYR G 19 -1.37 -21.76 -16.41
C TYR G 19 -0.08 -22.54 -16.35
N ASN G 20 1.03 -21.84 -16.54
CA ASN G 20 2.34 -22.43 -16.48
C ASN G 20 3.17 -21.56 -15.56
N LYS G 21 3.94 -22.17 -14.73
CA LYS G 21 4.63 -21.48 -13.64
C LYS G 21 5.74 -20.55 -14.17
N GLU G 22 6.24 -20.89 -15.34
CA GLU G 22 7.36 -20.13 -15.94
C GLU G 22 6.90 -19.11 -16.99
N THR G 23 5.72 -19.31 -17.52
CA THR G 23 5.20 -18.41 -18.57
C THR G 23 3.94 -17.69 -18.12
N ALA G 24 2.76 -18.10 -18.51
CA ALA G 24 1.54 -17.35 -18.31
C ALA G 24 0.34 -18.28 -18.24
N ILE G 25 -0.84 -17.70 -18.36
CA ILE G 25 -2.10 -18.47 -18.33
C ILE G 25 -2.38 -19.02 -19.74
N GLY G 26 -2.76 -20.29 -19.80
CA GLY G 26 -3.02 -20.94 -21.07
C GLY G 26 -4.47 -21.02 -21.44
N ASP G 27 -5.12 -22.14 -21.12
CA ASP G 27 -6.52 -22.36 -21.45
C ASP G 27 -7.51 -21.61 -20.57
N PHE G 28 -8.66 -21.30 -21.15
CA PHE G 28 -9.74 -20.58 -20.46
C PHE G 28 -11.08 -21.14 -20.94
N GLN G 29 -11.93 -21.53 -20.00
CA GLN G 29 -13.25 -22.08 -20.33
C GLN G 29 -14.15 -21.76 -19.15
N VAL G 30 -15.43 -21.52 -19.39
CA VAL G 30 -16.34 -21.20 -18.29
C VAL G 30 -17.75 -21.73 -18.50
N VAL G 31 -18.26 -22.45 -17.50
CA VAL G 31 -19.61 -22.96 -17.60
C VAL G 31 -20.49 -21.94 -16.90
N TYR G 32 -21.23 -21.22 -17.72
CA TYR G 32 -22.12 -20.18 -17.31
C TYR G 32 -23.46 -20.65 -16.81
N ASP G 33 -24.26 -19.73 -16.32
CA ASP G 33 -25.58 -20.06 -15.89
C ASP G 33 -26.48 -19.39 -16.88
N LEU G 34 -27.29 -20.17 -17.57
CA LEU G 34 -28.19 -19.61 -18.53
C LEU G 34 -29.59 -19.82 -17.96
N ASN G 35 -30.11 -18.74 -17.37
CA ASN G 35 -31.45 -18.72 -16.78
C ASN G 35 -31.83 -19.88 -15.87
N GLY G 36 -30.92 -20.27 -14.99
CA GLY G 36 -31.22 -21.35 -14.07
C GLY G 36 -30.50 -22.65 -14.33
N SER G 37 -30.16 -22.89 -15.58
CA SER G 37 -29.47 -24.10 -15.96
C SER G 37 -28.04 -23.76 -16.34
N PRO G 38 -27.11 -24.71 -16.18
CA PRO G 38 -25.73 -24.38 -16.57
C PRO G 38 -25.54 -24.39 -18.09
N TYR G 39 -24.53 -23.68 -18.56
CA TYR G 39 -24.25 -23.61 -19.97
C TYR G 39 -22.74 -23.64 -20.10
N VAL G 40 -22.19 -24.72 -20.67
CA VAL G 40 -20.75 -24.84 -20.80
C VAL G 40 -20.28 -24.05 -22.00
N GLY G 41 -19.47 -23.02 -21.75
CA GLY G 41 -18.96 -22.24 -22.85
C GLY G 41 -17.91 -23.08 -23.54
N GLN G 42 -17.57 -22.74 -24.77
CA GLN G 42 -16.56 -23.50 -25.50
C GLN G 42 -15.23 -23.39 -24.77
N ASN G 43 -14.41 -24.44 -24.84
CA ASN G 43 -13.10 -24.41 -24.21
C ASN G 43 -12.15 -23.73 -25.18
N HIS G 44 -11.44 -22.71 -24.71
CA HIS G 44 -10.50 -21.97 -25.54
C HIS G 44 -9.08 -22.39 -25.20
N LYS G 45 -8.53 -23.25 -26.05
CA LYS G 45 -7.20 -23.79 -25.88
C LYS G 45 -6.01 -22.95 -26.31
N SER G 46 -4.88 -23.27 -25.72
CA SER G 46 -3.64 -22.62 -26.06
C SER G 46 -3.14 -23.42 -27.26
N PHE G 47 -2.30 -22.78 -28.07
CA PHE G 47 -1.74 -23.44 -29.23
C PHE G 47 -0.72 -24.46 -28.78
N ILE G 48 -0.31 -24.44 -27.51
CA ILE G 48 0.67 -25.38 -26.97
C ILE G 48 0.19 -26.10 -25.70
N THR G 49 1.00 -27.02 -25.20
CA THR G 49 0.67 -27.81 -24.02
C THR G 49 1.60 -27.54 -22.84
N GLY G 50 1.40 -28.26 -21.72
CA GLY G 50 2.25 -28.09 -20.56
C GLY G 50 1.77 -27.18 -19.43
N PHE G 51 0.50 -26.81 -19.46
CA PHE G 51 -0.07 -25.96 -18.43
C PHE G 51 -0.66 -26.85 -17.33
N THR G 52 -0.98 -26.25 -16.17
CA THR G 52 -1.55 -26.95 -15.03
C THR G 52 -2.98 -26.42 -14.87
N PRO G 53 -3.98 -27.26 -15.11
CA PRO G 53 -5.40 -26.88 -15.01
C PRO G 53 -5.88 -26.58 -13.59
N VAL G 54 -6.83 -25.65 -13.48
CA VAL G 54 -7.41 -25.26 -12.20
C VAL G 54 -8.90 -25.08 -12.37
N LYS G 55 -9.68 -25.74 -11.52
CA LYS G 55 -11.13 -25.64 -11.57
C LYS G 55 -11.61 -24.83 -10.37
N ILE G 56 -12.42 -23.83 -10.67
CA ILE G 56 -12.97 -22.94 -9.67
C ILE G 56 -14.48 -23.18 -9.67
N SER G 57 -14.95 -24.04 -8.77
CA SER G 57 -16.38 -24.32 -8.68
C SER G 57 -17.05 -23.42 -7.68
N LEU G 58 -17.92 -22.54 -8.19
CA LEU G 58 -18.66 -21.59 -7.37
C LEU G 58 -20.01 -22.16 -6.91
N ASP G 59 -20.44 -21.73 -5.73
CA ASP G 59 -21.73 -22.12 -5.14
C ASP G 59 -22.70 -21.12 -5.78
N PHE G 60 -22.98 -21.31 -7.06
CA PHE G 60 -23.78 -20.39 -7.88
C PHE G 60 -24.67 -19.24 -7.42
N PRO G 61 -25.89 -19.53 -6.94
CA PRO G 61 -26.65 -18.33 -6.57
C PRO G 61 -25.99 -17.46 -5.51
N SER G 62 -25.69 -18.03 -4.35
CA SER G 62 -25.13 -17.29 -3.23
C SER G 62 -23.70 -16.74 -3.33
N GLU G 63 -22.84 -17.42 -4.09
CA GLU G 63 -21.45 -16.98 -4.24
C GLU G 63 -21.18 -16.43 -5.64
N TYR G 64 -20.57 -15.26 -5.68
CA TYR G 64 -20.29 -14.61 -6.94
C TYR G 64 -19.03 -13.79 -6.83
N ILE G 65 -18.42 -13.57 -7.98
CA ILE G 65 -17.20 -12.82 -8.11
C ILE G 65 -17.41 -11.37 -7.70
N MET G 66 -16.52 -10.87 -6.87
CA MET G 66 -16.59 -9.49 -6.44
C MET G 66 -15.43 -8.70 -6.99
N GLU G 67 -14.33 -9.38 -7.31
CA GLU G 67 -13.14 -8.71 -7.85
C GLU G 67 -12.28 -9.65 -8.68
N VAL G 68 -11.64 -9.08 -9.70
CA VAL G 68 -10.75 -9.79 -10.59
C VAL G 68 -9.46 -8.99 -10.77
N SER G 69 -8.34 -9.58 -10.37
CA SER G 69 -7.06 -8.91 -10.51
C SER G 69 -6.13 -9.85 -11.23
N GLY G 70 -5.00 -9.34 -11.71
CA GLY G 70 -4.06 -10.17 -12.41
C GLY G 70 -2.83 -9.36 -12.77
N TYR G 71 -2.02 -9.91 -13.67
CA TYR G 71 -0.79 -9.26 -14.12
C TYR G 71 -0.57 -9.52 -15.59
N THR G 72 -0.05 -8.52 -16.29
CA THR G 72 0.25 -8.69 -17.68
C THR G 72 1.75 -8.39 -17.75
N GLY G 73 2.43 -9.04 -18.56
CA GLY G 73 3.88 -8.93 -18.77
C GLY G 73 4.26 -9.54 -20.11
N ASN G 74 5.48 -9.26 -20.52
CA ASN G 74 6.02 -9.75 -21.79
C ASN G 74 6.76 -11.08 -21.62
N VAL G 75 6.30 -12.06 -22.38
CA VAL G 75 6.92 -13.40 -22.43
C VAL G 75 7.22 -13.76 -23.89
N SER G 76 8.46 -13.97 -24.14
CA SER G 76 8.94 -14.19 -25.51
C SER G 76 8.53 -13.08 -26.47
N GLY G 77 8.67 -11.83 -26.02
CA GLY G 77 8.33 -10.69 -26.85
C GLY G 77 6.86 -10.31 -26.96
N TYR G 78 5.97 -11.08 -26.35
CA TYR G 78 4.53 -10.79 -26.41
C TYR G 78 4.01 -10.39 -25.04
N VAL G 79 3.25 -9.31 -24.99
CA VAL G 79 2.65 -8.90 -23.74
C VAL G 79 1.44 -9.82 -23.58
N VAL G 80 1.36 -10.53 -22.47
CA VAL G 80 0.24 -11.46 -22.25
C VAL G 80 -0.26 -11.38 -20.81
N VAL G 81 -1.31 -12.14 -20.48
CA VAL G 81 -1.84 -12.17 -19.13
C VAL G 81 -1.17 -13.30 -18.38
N ARG G 82 -0.13 -12.96 -17.64
CA ARG G 82 0.66 -13.91 -16.87
C ARG G 82 0.04 -14.43 -15.60
N SER G 83 -0.87 -13.67 -15.02
CA SER G 83 -1.51 -14.08 -13.78
C SER G 83 -2.95 -13.65 -13.69
N LEU G 84 -3.72 -14.40 -12.89
CA LEU G 84 -5.15 -14.17 -12.66
C LEU G 84 -5.60 -14.67 -11.27
N THR G 85 -6.45 -13.90 -10.61
CA THR G 85 -7.01 -14.30 -9.32
C THR G 85 -8.47 -13.83 -9.25
N PHE G 86 -9.31 -14.62 -8.59
CA PHE G 86 -10.74 -14.28 -8.49
C PHE G 86 -11.20 -14.25 -7.04
N LYS G 87 -11.60 -13.08 -6.58
CA LYS G 87 -12.09 -12.93 -5.21
C LYS G 87 -13.61 -12.91 -5.26
N THR G 88 -14.26 -13.77 -4.49
CA THR G 88 -15.71 -13.81 -4.49
C THR G 88 -16.17 -13.37 -3.14
N ASN G 89 -17.48 -13.39 -2.91
CA ASN G 89 -17.99 -12.97 -1.63
C ASN G 89 -17.72 -13.99 -0.54
N LYS G 90 -17.02 -15.06 -0.87
CA LYS G 90 -16.70 -16.10 0.11
C LYS G 90 -15.23 -16.45 0.13
N LYS G 91 -14.70 -16.85 -1.03
CA LYS G 91 -13.31 -17.26 -1.12
C LYS G 91 -12.51 -16.36 -2.03
N THR G 92 -11.20 -16.54 -1.97
CA THR G 92 -10.27 -15.82 -2.80
C THR G 92 -9.53 -16.93 -3.49
N TYR G 93 -9.85 -17.14 -4.76
CA TYR G 93 -9.23 -18.17 -5.54
C TYR G 93 -7.90 -17.63 -5.99
N GLY G 94 -6.96 -17.75 -5.04
CA GLY G 94 -5.58 -17.31 -5.10
C GLY G 94 -4.95 -17.08 -6.44
N PRO G 95 -3.84 -16.34 -6.47
CA PRO G 95 -3.11 -16.03 -7.72
C PRO G 95 -2.60 -17.24 -8.47
N TYR G 96 -3.01 -17.36 -9.73
CA TYR G 96 -2.59 -18.45 -10.62
C TYR G 96 -1.68 -17.88 -11.72
N GLY G 97 -0.55 -18.53 -11.95
CA GLY G 97 0.38 -18.06 -12.95
C GLY G 97 1.56 -17.31 -12.34
N VAL G 98 2.23 -16.49 -13.12
CA VAL G 98 3.37 -15.76 -12.60
C VAL G 98 2.96 -14.39 -12.13
N THR G 99 3.28 -14.03 -10.88
CA THR G 99 2.93 -12.72 -10.40
C THR G 99 4.00 -11.69 -10.69
N SER G 100 4.21 -11.43 -11.97
CA SER G 100 5.21 -10.47 -12.41
C SER G 100 4.62 -9.70 -13.57
N GLY G 101 5.03 -8.44 -13.73
CA GLY G 101 4.56 -7.57 -14.81
C GLY G 101 3.87 -6.33 -14.23
N THR G 102 2.89 -5.76 -14.94
CA THR G 102 2.16 -4.64 -14.34
C THR G 102 0.79 -5.18 -13.92
N PRO G 103 0.37 -4.86 -12.69
CA PRO G 103 -0.91 -5.32 -12.17
C PRO G 103 -2.13 -4.56 -12.66
N PHE G 104 -3.28 -5.22 -12.53
CA PHE G 104 -4.55 -4.63 -12.89
C PHE G 104 -5.58 -5.23 -11.95
N ASN G 105 -6.63 -4.48 -11.63
CA ASN G 105 -7.68 -5.01 -10.79
C ASN G 105 -9.01 -4.31 -11.06
N LEU G 106 -10.08 -5.10 -11.04
CA LEU G 106 -11.44 -4.63 -11.25
C LEU G 106 -12.32 -5.06 -10.09
N PRO G 107 -12.53 -4.17 -9.14
CA PRO G 107 -13.38 -4.50 -7.99
C PRO G 107 -14.80 -4.06 -8.38
N ILE G 108 -15.81 -4.76 -7.90
CA ILE G 108 -17.19 -4.40 -8.24
C ILE G 108 -18.02 -4.08 -7.03
N GLU G 109 -18.51 -2.84 -6.95
CA GLU G 109 -19.35 -2.47 -5.82
C GLU G 109 -20.78 -2.99 -6.02
N ASN G 110 -21.28 -2.86 -7.25
CA ASN G 110 -22.63 -3.28 -7.61
C ASN G 110 -22.62 -3.68 -9.08
N GLY G 111 -23.06 -4.89 -9.37
CA GLY G 111 -23.05 -5.35 -10.74
C GLY G 111 -22.58 -6.79 -10.74
N LEU G 112 -22.51 -7.41 -11.92
CA LEU G 112 -22.11 -8.81 -12.01
C LEU G 112 -21.36 -9.06 -13.29
N ILE G 113 -20.44 -10.00 -13.26
CA ILE G 113 -19.68 -10.38 -14.44
C ILE G 113 -20.52 -11.49 -15.05
N VAL G 114 -20.98 -11.27 -16.27
CA VAL G 114 -21.84 -12.22 -16.94
C VAL G 114 -21.33 -12.80 -18.25
N GLY G 115 -20.07 -12.59 -18.59
CA GLY G 115 -19.56 -13.16 -19.82
C GLY G 115 -18.13 -12.76 -20.03
N PHE G 116 -17.43 -13.50 -20.89
CA PHE G 116 -16.05 -13.21 -21.18
C PHE G 116 -15.76 -13.23 -22.67
N LYS G 117 -14.72 -12.50 -23.04
CA LYS G 117 -14.24 -12.40 -24.42
C LYS G 117 -12.75 -12.13 -24.31
N GLY G 118 -12.00 -12.41 -25.38
CA GLY G 118 -10.58 -12.17 -25.33
C GLY G 118 -9.87 -12.81 -26.49
N SER G 119 -8.66 -13.26 -26.25
CA SER G 119 -7.84 -13.88 -27.29
C SER G 119 -6.81 -14.83 -26.68
N ILE G 120 -6.52 -15.92 -27.37
CA ILE G 120 -5.54 -16.88 -26.88
C ILE G 120 -4.62 -17.37 -28.01
N GLY G 121 -3.31 -17.30 -27.79
CA GLY G 121 -2.35 -17.78 -28.77
C GLY G 121 -1.54 -18.84 -28.04
N TYR G 122 -0.30 -18.54 -27.73
CA TYR G 122 0.47 -19.46 -26.93
C TYR G 122 -0.08 -19.32 -25.51
N TRP G 123 -0.51 -18.11 -25.17
CA TRP G 123 -1.09 -17.79 -23.85
C TRP G 123 -2.23 -16.77 -24.03
N LEU G 124 -3.00 -16.51 -22.98
CA LEU G 124 -4.08 -15.54 -23.08
C LEU G 124 -3.46 -14.16 -23.39
N ASP G 125 -3.83 -13.57 -24.52
CA ASP G 125 -3.29 -12.29 -24.95
C ASP G 125 -3.88 -11.09 -24.26
N TYR G 126 -5.20 -11.09 -24.14
CA TYR G 126 -5.96 -10.03 -23.49
C TYR G 126 -7.39 -10.53 -23.21
N PHE G 127 -8.12 -9.84 -22.35
CA PHE G 127 -9.48 -10.26 -22.07
C PHE G 127 -10.33 -9.09 -21.62
N SER G 128 -11.63 -9.19 -21.84
CA SER G 128 -12.59 -8.17 -21.44
C SER G 128 -13.75 -8.89 -20.75
N MET G 129 -14.57 -8.17 -20.00
CA MET G 129 -15.70 -8.79 -19.31
C MET G 129 -17.00 -8.00 -19.52
N TYR G 130 -18.13 -8.73 -19.51
CA TYR G 130 -19.45 -8.13 -19.65
C TYR G 130 -19.97 -7.90 -18.23
N LEU G 131 -20.52 -6.72 -17.98
CA LEU G 131 -21.03 -6.37 -16.65
C LEU G 131 -22.52 -6.05 -16.74
N SER G 132 -23.31 -6.67 -15.88
CA SER G 132 -24.73 -6.42 -15.86
C SER G 132 -25.16 -6.21 -14.43
N LEU G 133 -26.45 -6.00 -14.24
CA LEU G 133 -27.03 -5.77 -12.93
C LEU G 133 -27.84 -7.00 -12.57
N SER H 4 -30.49 -2.70 -34.88
CA SER H 4 -29.90 -3.92 -34.34
C SER H 4 -30.91 -4.62 -33.42
N GLY H 5 -31.14 -5.89 -33.71
CA GLY H 5 -32.09 -6.71 -32.95
C GLY H 5 -31.35 -7.54 -31.90
N LYS H 6 -30.14 -7.15 -31.53
CA LYS H 6 -29.34 -7.88 -30.55
C LYS H 6 -29.06 -7.02 -29.32
N SER H 7 -29.33 -7.58 -28.15
CA SER H 7 -29.12 -6.89 -26.88
C SER H 7 -27.65 -6.54 -26.65
N GLN H 8 -27.41 -5.46 -25.93
CA GLN H 8 -26.06 -5.03 -25.65
C GLN H 8 -25.88 -4.86 -24.14
N THR H 9 -24.65 -5.02 -23.64
CA THR H 9 -24.36 -4.84 -22.22
C THR H 9 -23.05 -4.07 -22.13
N VAL H 10 -22.73 -3.54 -20.96
CA VAL H 10 -21.47 -2.82 -20.83
C VAL H 10 -20.36 -3.85 -20.81
N ILE H 11 -19.33 -3.62 -21.61
CA ILE H 11 -18.18 -4.51 -21.68
C ILE H 11 -17.01 -3.70 -21.18
N VAL H 12 -16.39 -4.19 -20.13
CA VAL H 12 -15.29 -3.48 -19.53
C VAL H 12 -13.91 -4.03 -19.89
N GLY H 13 -13.06 -3.11 -20.29
CA GLY H 13 -11.70 -3.48 -20.55
C GLY H 13 -11.02 -3.77 -21.85
N SER H 14 -10.20 -4.80 -21.67
CA SER H 14 -9.28 -5.42 -22.61
C SER H 14 -7.98 -5.11 -21.89
N TRP H 15 -7.56 -6.05 -21.04
CA TRP H 15 -6.30 -5.93 -20.31
C TRP H 15 -5.41 -6.98 -20.96
N GLY H 16 -4.17 -6.60 -21.22
CA GLY H 16 -3.23 -7.51 -21.83
C GLY H 16 -2.72 -6.78 -23.03
N ALA H 17 -2.40 -7.55 -24.05
CA ALA H 17 -2.02 -6.91 -25.32
C ALA H 17 -3.13 -5.96 -25.76
N LYS H 18 -2.71 -4.88 -26.40
CA LYS H 18 -3.62 -3.85 -26.90
C LYS H 18 -4.00 -4.15 -28.35
C1 AMG I . -1.63 -15.64 0.81
C2 AMG I . -2.42 -15.53 2.06
C3 AMG I . -2.77 -14.04 2.39
C4 AMG I . -1.48 -13.17 2.41
C5 AMG I . -0.76 -13.32 1.09
C6 AMG I . 0.54 -12.50 0.88
C7 AMG I . -1.83 -15.42 -1.73
O1 AMG I . -2.44 -15.54 -0.39
O2 AMG I . -3.61 -16.24 2.05
O3 AMG I . -3.31 -14.19 3.74
O4 AMG I . -0.73 -13.79 3.43
O5 AMG I . -0.47 -14.72 0.95
O6 AMG I . 1.58 -13.19 1.55
C1 AMG J . 22.37 25.63 9.55
C2 AMG J . 23.54 24.90 10.37
C3 AMG J . 23.78 23.44 9.75
C4 AMG J . 22.43 22.67 9.63
C5 AMG J . 21.36 23.54 8.81
C6 AMG J . 20.02 22.83 8.63
C7 AMG J . 22.09 26.42 7.20
O1 AMG J . 22.87 25.65 8.22
O2 AMG J . 24.81 25.55 10.47
O3 AMG J . 24.68 22.63 10.62
O4 AMG J . 22.01 22.42 10.98
O5 AMG J . 21.14 24.83 9.50
O6 AMG J . 19.24 22.98 9.78
C1 AMG K . -6.31 13.17 6.47
C2 AMG K . -7.52 12.39 6.94
C3 AMG K . -7.37 10.90 6.72
C4 AMG K . -7.02 10.59 5.30
C5 AMG K . -5.75 11.37 4.94
C6 AMG K . -5.31 11.21 3.50
C7 AMG K . -4.07 13.83 6.94
O1 AMG K . -5.21 13.07 7.33
O2 AMG K . -7.79 12.54 8.32
O3 AMG K . -8.61 10.25 7.04
O4 AMG K . -8.17 10.99 4.54
O5 AMG K . -5.94 12.77 5.14
O6 AMG K . -5.99 12.12 2.68
C1 AMG L . 1.67 -16.91 -30.67
C2 AMG L . 0.68 -16.16 -31.57
C3 AMG L . 0.72 -14.66 -31.35
C4 AMG L . 0.48 -14.31 -29.86
C5 AMG L . 1.39 -15.16 -28.96
C6 AMG L . 1.23 -15.00 -27.45
C7 AMG L . 4.26 -17.10 -31.01
O1 AMG L . 3.00 -16.39 -30.99
O2 AMG L . 0.84 -16.31 -32.97
O3 AMG L . -0.37 -14.14 -32.20
O4 AMG L . -0.89 -14.59 -29.66
O5 AMG L . 1.24 -16.60 -29.31
O6 AMG L . 0.08 -15.61 -26.95
#